data_1NE2
#
_entry.id   1NE2
#
_cell.length_a   48.086
_cell.length_b   53.359
_cell.length_c   149.807
_cell.angle_alpha   90.00
_cell.angle_beta   90.00
_cell.angle_gamma   90.00
#
_symmetry.space_group_name_H-M   'P 21 21 21'
#
loop_
_entity.id
_entity.type
_entity.pdbx_description
1 polymer 'hypothetical protein ta1320'
2 non-polymer 'FORMIC ACID'
3 water water
#
_entity_poly.entity_id   1
_entity_poly.type   'polypeptide(L)'
_entity_poly.pdbx_seq_one_letter_code
;GSH(MSE)GIKNDLEIRLQKLQQQGNFKNYLEQYPTDASTAAYFLIEIYNDGNIGGRSVIDAGTGNGILACGSYLLGAES
VTAFDIDPDAIETAKRNCGGVNF(MSE)VADVSEISGKYDTWI(MSE)NPPFGSVVKHSDRAFIDKAFETS(MSE)WIYS
IGNAKARDFLRREFSARGDVFREEKVYITVPRIYRHHSYDRARIEAVIFGVRNHSF
;
_entity_poly.pdbx_strand_id   A,B
#
loop_
_chem_comp.id
_chem_comp.type
_chem_comp.name
_chem_comp.formula
FMT non-polymer 'FORMIC ACID' 'C H2 O2'
#
# COMPACT_ATOMS: atom_id res chain seq x y z
N MSE A 4 -26.61 -19.24 1.40
CA MSE A 4 -25.82 -18.17 2.06
C MSE A 4 -24.42 -18.68 2.38
O MSE A 4 -24.04 -19.79 1.99
CB MSE A 4 -26.52 -17.74 3.36
CG MSE A 4 -25.92 -16.49 4.00
SE MSE A 4 -26.62 -16.13 5.77
CE MSE A 4 -25.27 -17.04 6.81
N GLY A 5 -23.64 -17.86 3.09
CA GLY A 5 -22.29 -18.24 3.45
C GLY A 5 -21.24 -17.37 2.80
N ILE A 6 -20.41 -16.73 3.61
CA ILE A 6 -19.35 -15.86 3.11
C ILE A 6 -18.46 -16.61 2.11
N LYS A 7 -18.10 -17.85 2.46
CA LYS A 7 -17.25 -18.65 1.60
C LYS A 7 -17.91 -18.93 0.25
N ASN A 8 -19.18 -19.34 0.28
CA ASN A 8 -19.89 -19.63 -0.95
C ASN A 8 -20.01 -18.40 -1.84
N ASP A 9 -20.38 -17.27 -1.26
CA ASP A 9 -20.54 -16.03 -2.00
C ASP A 9 -19.23 -15.62 -2.70
N LEU A 10 -18.11 -15.71 -1.98
CA LEU A 10 -16.82 -15.35 -2.56
C LEU A 10 -16.46 -16.35 -3.66
N GLU A 11 -16.71 -17.63 -3.40
CA GLU A 11 -16.40 -18.66 -4.39
C GLU A 11 -17.05 -18.37 -5.73
N ILE A 12 -18.34 -18.06 -5.73
CA ILE A 12 -19.04 -17.78 -7.00
C ILE A 12 -18.43 -16.58 -7.71
N ARG A 13 -18.07 -15.55 -6.94
CA ARG A 13 -17.47 -14.35 -7.51
C ARG A 13 -16.11 -14.66 -8.15
N LEU A 14 -15.30 -15.45 -7.48
CA LEU A 14 -13.98 -15.81 -7.99
C LEU A 14 -14.06 -16.73 -9.21
N GLN A 15 -15.10 -17.54 -9.27
CA GLN A 15 -15.29 -18.46 -10.39
C GLN A 15 -15.60 -17.70 -11.67
N LYS A 16 -16.26 -16.56 -11.55
CA LYS A 16 -16.62 -15.74 -12.70
C LYS A 16 -15.38 -15.11 -13.31
N LEU A 17 -14.29 -15.08 -12.55
CA LEU A 17 -13.05 -14.49 -13.03
C LEU A 17 -12.52 -15.21 -14.28
N GLN A 18 -11.95 -14.44 -15.18
CA GLN A 18 -11.40 -14.98 -16.43
C GLN A 18 -10.06 -15.66 -16.16
N GLN A 19 -9.92 -16.88 -16.65
CA GLN A 19 -8.69 -17.64 -16.49
C GLN A 19 -7.62 -17.06 -17.39
N GLN A 20 -7.76 -17.28 -18.69
CA GLN A 20 -6.82 -16.77 -19.67
C GLN A 20 -5.39 -17.25 -19.39
N GLY A 21 -4.65 -16.47 -18.61
CA GLY A 21 -3.28 -16.83 -18.29
C GLY A 21 -2.94 -16.69 -16.82
N TYR A 30 -1.04 -26.80 -11.20
CA TYR A 30 -2.50 -26.83 -11.05
C TYR A 30 -3.04 -25.55 -10.45
N PRO A 31 -3.98 -24.89 -11.15
CA PRO A 31 -4.54 -23.65 -10.63
C PRO A 31 -5.34 -23.97 -9.37
N THR A 32 -5.43 -23.01 -8.46
CA THR A 32 -6.19 -23.22 -7.24
C THR A 32 -7.65 -22.95 -7.62
N ASP A 33 -8.51 -23.94 -7.43
CA ASP A 33 -9.92 -23.79 -7.77
C ASP A 33 -10.57 -22.70 -6.92
N ALA A 34 -11.68 -22.15 -7.40
CA ALA A 34 -12.40 -21.09 -6.70
C ALA A 34 -12.79 -21.44 -5.28
N SER A 35 -13.18 -22.70 -5.06
CA SER A 35 -13.58 -23.16 -3.74
C SER A 35 -12.43 -23.12 -2.74
N THR A 36 -11.31 -23.72 -3.13
CA THR A 36 -10.15 -23.77 -2.25
C THR A 36 -9.61 -22.36 -2.02
N ALA A 37 -9.60 -21.55 -3.07
CA ALA A 37 -9.13 -20.17 -2.98
C ALA A 37 -9.99 -19.40 -1.98
N ALA A 38 -11.31 -19.55 -2.10
CA ALA A 38 -12.21 -18.87 -1.18
C ALA A 38 -11.95 -19.35 0.24
N TYR A 39 -11.77 -20.66 0.41
CA TYR A 39 -11.51 -21.23 1.73
C TYR A 39 -10.22 -20.63 2.31
N PHE A 40 -9.17 -20.66 1.50
CA PHE A 40 -7.86 -20.14 1.87
C PHE A 40 -7.94 -18.68 2.29
N LEU A 41 -8.53 -17.85 1.44
CA LEU A 41 -8.65 -16.43 1.75
C LEU A 41 -9.52 -16.15 2.98
N ILE A 42 -10.58 -16.93 3.18
CA ILE A 42 -11.43 -16.72 4.36
C ILE A 42 -10.66 -17.00 5.65
N GLU A 43 -9.75 -17.97 5.60
CA GLU A 43 -8.94 -18.28 6.78
C GLU A 43 -8.09 -17.07 7.10
N ILE A 44 -7.46 -16.48 6.09
CA ILE A 44 -6.62 -15.31 6.29
C ILE A 44 -7.48 -14.17 6.80
N TYR A 45 -8.68 -14.03 6.25
CA TYR A 45 -9.60 -12.98 6.67
C TYR A 45 -9.96 -13.15 8.14
N ASN A 46 -10.26 -14.37 8.55
CA ASN A 46 -10.61 -14.63 9.93
C ASN A 46 -9.41 -14.45 10.86
N ASP A 47 -8.21 -14.61 10.32
CA ASP A 47 -6.99 -14.41 11.12
C ASP A 47 -6.86 -12.91 11.37
N GLY A 48 -7.60 -12.13 10.58
CA GLY A 48 -7.57 -10.68 10.70
C GLY A 48 -6.51 -10.04 9.80
N ASN A 49 -6.01 -10.80 8.82
CA ASN A 49 -4.97 -10.27 7.96
C ASN A 49 -5.32 -9.88 6.53
N ILE A 50 -6.61 -9.67 6.26
CA ILE A 50 -7.03 -9.22 4.94
C ILE A 50 -7.80 -7.91 5.08
N GLY A 51 -8.92 -7.95 5.79
CA GLY A 51 -9.73 -6.77 5.98
C GLY A 51 -9.01 -5.58 6.57
N GLY A 52 -9.04 -4.45 5.85
CA GLY A 52 -8.37 -3.25 6.33
C GLY A 52 -6.86 -3.35 6.34
N ARG A 53 -6.31 -4.31 5.61
CA ARG A 53 -4.87 -4.50 5.57
C ARG A 53 -4.29 -4.25 4.18
N SER A 54 -2.98 -4.06 4.11
CA SER A 54 -2.30 -3.88 2.83
C SER A 54 -1.80 -5.28 2.49
N VAL A 55 -2.23 -5.80 1.35
CA VAL A 55 -1.89 -7.15 0.95
C VAL A 55 -1.10 -7.19 -0.34
N ILE A 56 -0.18 -8.14 -0.43
CA ILE A 56 0.56 -8.34 -1.67
C ILE A 56 0.43 -9.81 -2.07
N ASP A 57 0.00 -10.04 -3.32
CA ASP A 57 -0.17 -11.37 -3.85
C ASP A 57 0.96 -11.61 -4.85
N ALA A 58 1.85 -12.54 -4.52
CA ALA A 58 3.02 -12.87 -5.33
C ALA A 58 2.75 -13.98 -6.35
N GLY A 59 3.14 -13.74 -7.60
CA GLY A 59 2.91 -14.72 -8.65
C GLY A 59 1.41 -14.85 -8.80
N THR A 60 0.76 -13.71 -8.93
CA THR A 60 -0.70 -13.61 -9.00
C THR A 60 -1.44 -14.31 -10.14
N GLY A 61 -0.77 -14.58 -11.26
CA GLY A 61 -1.44 -15.24 -12.36
C GLY A 61 -2.66 -14.47 -12.84
N ASN A 62 -3.81 -15.14 -12.93
CA ASN A 62 -5.03 -14.47 -13.40
C ASN A 62 -5.56 -13.53 -12.33
N GLY A 63 -4.85 -13.48 -11.19
CA GLY A 63 -5.23 -12.60 -10.10
C GLY A 63 -6.29 -13.07 -9.12
N ILE A 64 -6.65 -14.34 -9.15
CA ILE A 64 -7.68 -14.86 -8.26
C ILE A 64 -7.51 -14.52 -6.78
N LEU A 65 -6.34 -14.75 -6.21
CA LEU A 65 -6.15 -14.47 -4.78
C LEU A 65 -6.12 -12.96 -4.48
N ALA A 66 -5.66 -12.18 -5.45
CA ALA A 66 -5.60 -10.72 -5.29
C ALA A 66 -7.02 -10.16 -5.36
N CYS A 67 -7.77 -10.60 -6.36
CA CYS A 67 -9.14 -10.14 -6.50
C CYS A 67 -9.95 -10.56 -5.27
N GLY A 68 -9.65 -11.76 -4.76
CA GLY A 68 -10.37 -12.25 -3.59
C GLY A 68 -10.08 -11.39 -2.37
N SER A 69 -8.83 -10.99 -2.20
CA SER A 69 -8.44 -10.15 -1.07
C SER A 69 -9.16 -8.81 -1.16
N TYR A 70 -9.29 -8.29 -2.38
CA TYR A 70 -9.97 -7.01 -2.61
C TYR A 70 -11.45 -7.15 -2.25
N LEU A 71 -12.06 -8.24 -2.70
CA LEU A 71 -13.47 -8.49 -2.42
C LEU A 71 -13.72 -8.69 -0.93
N LEU A 72 -12.68 -9.04 -0.18
CA LEU A 72 -12.83 -9.23 1.27
C LEU A 72 -12.51 -7.96 2.06
N GLY A 73 -12.44 -6.82 1.37
CA GLY A 73 -12.20 -5.56 2.04
C GLY A 73 -10.79 -5.14 2.41
N ALA A 74 -9.79 -5.64 1.69
CA ALA A 74 -8.41 -5.26 1.98
C ALA A 74 -8.32 -3.74 1.78
N GLU A 75 -7.52 -3.08 2.58
CA GLU A 75 -7.37 -1.64 2.44
C GLU A 75 -6.61 -1.34 1.15
N SER A 76 -5.65 -2.20 0.84
CA SER A 76 -4.85 -2.05 -0.37
C SER A 76 -4.37 -3.41 -0.84
N VAL A 77 -4.43 -3.63 -2.16
CA VAL A 77 -3.98 -4.90 -2.70
C VAL A 77 -3.00 -4.63 -3.84
N THR A 78 -1.84 -5.28 -3.76
CA THR A 78 -0.81 -5.19 -4.79
C THR A 78 -0.55 -6.63 -5.23
N ALA A 79 -0.29 -6.84 -6.51
CA ALA A 79 -0.06 -8.19 -7.01
C ALA A 79 0.87 -8.13 -8.20
N PHE A 80 1.79 -9.08 -8.27
CA PHE A 80 2.74 -9.09 -9.38
C PHE A 80 2.91 -10.48 -9.98
N ASP A 81 3.33 -10.50 -11.23
CA ASP A 81 3.57 -11.74 -11.96
C ASP A 81 4.58 -11.36 -13.04
N ILE A 82 5.39 -12.33 -13.45
CA ILE A 82 6.39 -12.05 -14.48
C ILE A 82 5.78 -12.11 -15.89
N ASP A 83 4.56 -12.64 -15.98
CA ASP A 83 3.88 -12.78 -17.27
C ASP A 83 2.96 -11.59 -17.59
N PRO A 84 3.36 -10.77 -18.58
CA PRO A 84 2.58 -9.60 -18.99
C PRO A 84 1.13 -9.90 -19.36
N ASP A 85 0.90 -11.04 -20.00
CA ASP A 85 -0.45 -11.41 -20.39
C ASP A 85 -1.33 -11.76 -19.19
N ALA A 86 -0.72 -12.34 -18.16
CA ALA A 86 -1.46 -12.70 -16.96
C ALA A 86 -1.91 -11.40 -16.30
N ILE A 87 -0.99 -10.45 -16.21
CA ILE A 87 -1.29 -9.17 -15.59
C ILE A 87 -2.41 -8.43 -16.34
N GLU A 88 -2.41 -8.53 -17.66
CA GLU A 88 -3.45 -7.88 -18.45
C GLU A 88 -4.82 -8.48 -18.16
N THR A 89 -4.87 -9.80 -18.01
CA THR A 89 -6.10 -10.51 -17.71
C THR A 89 -6.52 -10.17 -16.28
N ALA A 90 -5.54 -10.13 -15.38
CA ALA A 90 -5.81 -9.83 -13.98
C ALA A 90 -6.44 -8.45 -13.84
N LYS A 91 -5.89 -7.46 -14.52
CA LYS A 91 -6.40 -6.10 -14.46
C LYS A 91 -7.87 -6.03 -14.87
N ARG A 92 -8.25 -6.87 -15.83
CA ARG A 92 -9.63 -6.92 -16.29
C ARG A 92 -10.50 -7.58 -15.22
N ASN A 93 -9.96 -8.61 -14.58
CA ASN A 93 -10.70 -9.33 -13.54
C ASN A 93 -11.08 -8.45 -12.36
N CYS A 94 -10.19 -7.55 -11.97
CA CYS A 94 -10.47 -6.65 -10.86
C CYS A 94 -9.55 -5.44 -10.90
N GLY A 95 -10.05 -4.36 -11.47
CA GLY A 95 -9.26 -3.14 -11.60
C GLY A 95 -8.92 -2.39 -10.33
N GLY A 96 -9.52 -2.79 -9.21
CA GLY A 96 -9.25 -2.12 -7.95
C GLY A 96 -7.92 -2.53 -7.34
N VAL A 97 -7.31 -3.56 -7.92
CA VAL A 97 -6.03 -4.08 -7.46
C VAL A 97 -4.86 -3.44 -8.22
N ASN A 98 -3.75 -3.23 -7.51
CA ASN A 98 -2.54 -2.65 -8.10
C ASN A 98 -1.72 -3.79 -8.69
N PHE A 99 -2.05 -4.16 -9.91
CA PHE A 99 -1.37 -5.25 -10.62
C PHE A 99 -0.15 -4.71 -11.35
N MSE A 100 0.93 -5.48 -11.32
CA MSE A 100 2.15 -5.07 -11.98
C MSE A 100 2.97 -6.25 -12.47
O MSE A 100 2.96 -7.32 -11.88
CB MSE A 100 3.00 -4.25 -11.01
CG MSE A 100 3.11 -4.92 -9.65
SE MSE A 100 4.10 -3.87 -8.41
CE MSE A 100 3.34 -2.14 -8.82
N VAL A 101 3.67 -6.04 -13.59
CA VAL A 101 4.54 -7.05 -14.16
C VAL A 101 5.86 -6.88 -13.41
N ALA A 102 6.40 -7.97 -12.89
CA ALA A 102 7.66 -7.88 -12.17
C ALA A 102 8.20 -9.22 -11.72
N ASP A 103 9.52 -9.26 -11.56
CA ASP A 103 10.20 -10.46 -11.05
C ASP A 103 10.22 -10.23 -9.55
N VAL A 104 10.11 -11.30 -8.77
CA VAL A 104 10.09 -11.17 -7.31
C VAL A 104 11.28 -10.36 -6.77
N SER A 105 12.43 -10.46 -7.41
CA SER A 105 13.63 -9.75 -6.97
C SER A 105 13.49 -8.22 -7.01
N GLU A 106 12.54 -7.73 -7.79
CA GLU A 106 12.32 -6.29 -7.94
C GLU A 106 11.39 -5.70 -6.88
N ILE A 107 10.72 -6.56 -6.13
CA ILE A 107 9.79 -6.12 -5.08
C ILE A 107 10.59 -5.58 -3.88
N SER A 108 10.14 -4.48 -3.30
CA SER A 108 10.85 -3.92 -2.15
C SER A 108 9.97 -3.22 -1.14
N GLY A 109 8.67 -3.12 -1.41
CA GLY A 109 7.79 -2.45 -0.48
C GLY A 109 7.39 -3.27 0.73
N LYS A 110 6.82 -2.61 1.74
CA LYS A 110 6.35 -3.29 2.95
C LYS A 110 4.84 -3.42 2.92
N TYR A 111 4.35 -4.58 3.37
CA TYR A 111 2.92 -4.90 3.39
C TYR A 111 2.57 -5.67 4.65
N ASP A 112 1.31 -5.62 5.05
CA ASP A 112 0.88 -6.39 6.21
C ASP A 112 0.95 -7.87 5.91
N THR A 113 0.41 -8.25 4.75
CA THR A 113 0.27 -9.65 4.38
C THR A 113 0.77 -10.06 3.02
N TRP A 114 1.52 -11.15 2.98
CA TRP A 114 2.06 -11.72 1.75
C TRP A 114 1.36 -13.04 1.45
N ILE A 115 0.81 -13.18 0.25
CA ILE A 115 0.12 -14.41 -0.14
C ILE A 115 0.78 -14.97 -1.39
N MSE A 116 0.94 -16.29 -1.42
CA MSE A 116 1.56 -16.93 -2.58
C MSE A 116 1.02 -18.34 -2.81
O MSE A 116 0.46 -18.96 -1.91
CB MSE A 116 3.08 -17.00 -2.41
CG MSE A 116 3.53 -17.80 -1.20
SE MSE A 116 5.44 -17.75 -0.95
CE MSE A 116 5.93 -19.38 -1.86
N ASN A 117 1.21 -18.82 -4.03
CA ASN A 117 0.78 -20.15 -4.44
C ASN A 117 1.93 -20.75 -5.24
N PRO A 118 2.99 -21.18 -4.53
CA PRO A 118 4.19 -21.77 -5.11
C PRO A 118 3.98 -23.10 -5.83
N PRO A 119 4.53 -23.23 -7.05
CA PRO A 119 4.41 -24.44 -7.86
C PRO A 119 5.40 -25.52 -7.43
N PHE A 120 6.02 -25.33 -6.27
CA PHE A 120 7.00 -26.29 -5.77
C PHE A 120 6.32 -27.61 -5.42
N ASP A 128 11.10 -22.70 -4.45
CA ASP A 128 12.00 -21.58 -4.70
C ASP A 128 12.10 -20.70 -3.46
N ARG A 129 13.32 -20.52 -2.98
CA ARG A 129 13.58 -19.72 -1.80
C ARG A 129 13.53 -18.22 -2.10
N ALA A 130 13.49 -17.87 -3.38
CA ALA A 130 13.47 -16.46 -3.80
C ALA A 130 12.19 -15.78 -3.29
N PHE A 131 11.06 -16.45 -3.46
CA PHE A 131 9.78 -15.90 -3.02
C PHE A 131 9.71 -15.89 -1.51
N ILE A 132 10.24 -16.92 -0.88
CA ILE A 132 10.24 -17.03 0.57
C ILE A 132 11.09 -15.92 1.19
N ASP A 133 12.28 -15.71 0.66
CA ASP A 133 13.16 -14.67 1.20
C ASP A 133 12.49 -13.30 1.09
N LYS A 134 11.87 -13.03 -0.05
CA LYS A 134 11.21 -11.75 -0.27
C LYS A 134 10.03 -11.57 0.67
N ALA A 135 9.31 -12.66 0.93
CA ALA A 135 8.16 -12.60 1.82
C ALA A 135 8.59 -12.13 3.21
N PHE A 136 9.66 -12.73 3.73
CA PHE A 136 10.17 -12.38 5.05
C PHE A 136 10.81 -10.99 5.09
N GLU A 137 11.20 -10.49 3.93
CA GLU A 137 11.81 -9.16 3.85
C GLU A 137 10.72 -8.09 3.81
N THR A 138 9.56 -8.47 3.31
CA THR A 138 8.49 -7.50 3.12
C THR A 138 7.22 -7.51 3.96
N SER A 139 6.80 -8.68 4.45
CA SER A 139 5.53 -8.74 5.17
C SER A 139 5.54 -9.34 6.57
N MSE A 140 4.54 -8.94 7.35
CA MSE A 140 4.40 -9.42 8.72
C MSE A 140 3.74 -10.80 8.77
O MSE A 140 4.10 -11.65 9.57
CB MSE A 140 3.56 -8.43 9.54
CG MSE A 140 3.10 -8.95 10.89
SE MSE A 140 4.53 -9.44 12.08
CE MSE A 140 3.99 -8.41 13.63
N TRP A 141 2.76 -11.00 7.89
CA TRP A 141 2.06 -12.29 7.84
C TRP A 141 2.30 -12.89 6.47
N ILE A 142 2.66 -14.16 6.45
CA ILE A 142 2.98 -14.86 5.21
C ILE A 142 2.13 -16.12 5.06
N TYR A 143 1.44 -16.22 3.92
CA TYR A 143 0.59 -17.38 3.67
C TYR A 143 0.96 -18.03 2.35
N SER A 144 0.82 -19.34 2.31
CA SER A 144 1.14 -20.10 1.11
C SER A 144 0.21 -21.29 0.96
N ILE A 145 -0.14 -21.60 -0.28
CA ILE A 145 -0.97 -22.76 -0.56
C ILE A 145 -0.35 -23.40 -1.80
N GLY A 146 -0.17 -24.71 -1.77
CA GLY A 146 0.43 -25.39 -2.90
C GLY A 146 0.49 -26.88 -2.69
N ASN A 147 1.19 -27.58 -3.58
CA ASN A 147 1.31 -29.04 -3.49
C ASN A 147 1.89 -29.51 -2.18
N ALA A 148 1.24 -30.51 -1.58
CA ALA A 148 1.66 -31.07 -0.30
C ALA A 148 3.04 -31.71 -0.34
N LYS A 149 3.54 -32.02 -1.54
CA LYS A 149 4.85 -32.64 -1.65
C LYS A 149 5.98 -31.68 -1.27
N ALA A 150 5.68 -30.39 -1.25
CA ALA A 150 6.66 -29.37 -0.90
C ALA A 150 6.57 -29.06 0.60
N ARG A 151 5.67 -29.75 1.29
CA ARG A 151 5.43 -29.54 2.71
C ARG A 151 6.68 -29.53 3.58
N ASP A 152 7.54 -30.53 3.45
CA ASP A 152 8.76 -30.59 4.25
C ASP A 152 9.70 -29.43 3.94
N PHE A 153 9.92 -29.17 2.65
CA PHE A 153 10.79 -28.08 2.24
C PHE A 153 10.32 -26.75 2.81
N LEU A 154 9.06 -26.43 2.57
CA LEU A 154 8.47 -25.18 3.03
C LEU A 154 8.46 -25.01 4.54
N ARG A 155 8.16 -26.08 5.26
CA ARG A 155 8.12 -26.02 6.72
C ARG A 155 9.49 -25.65 7.27
N ARG A 156 10.53 -26.24 6.69
CA ARG A 156 11.90 -25.96 7.12
C ARG A 156 12.20 -24.49 6.84
N GLU A 157 11.91 -24.05 5.62
CA GLU A 157 12.15 -22.67 5.23
C GLU A 157 11.39 -21.65 6.09
N PHE A 158 10.11 -21.89 6.32
CA PHE A 158 9.30 -20.97 7.11
C PHE A 158 9.63 -20.90 8.60
N SER A 159 9.88 -22.06 9.20
CA SER A 159 10.16 -22.15 10.63
C SER A 159 11.41 -21.43 11.12
N ALA A 160 12.38 -21.24 10.24
CA ALA A 160 13.62 -20.57 10.62
C ALA A 160 13.49 -19.06 10.81
N ARG A 161 12.66 -18.41 10.00
CA ARG A 161 12.48 -16.97 10.10
C ARG A 161 11.11 -16.52 10.57
N GLY A 162 10.28 -17.48 10.96
CA GLY A 162 8.96 -17.14 11.44
C GLY A 162 8.34 -18.23 12.27
N ASP A 163 7.16 -17.93 12.82
CA ASP A 163 6.44 -18.91 13.63
C ASP A 163 5.29 -19.44 12.79
N VAL A 164 5.32 -20.74 12.49
CA VAL A 164 4.27 -21.37 11.70
C VAL A 164 3.07 -21.65 12.58
N PHE A 165 1.98 -20.91 12.38
CA PHE A 165 0.79 -21.10 13.17
C PHE A 165 -0.25 -21.93 12.43
N ARG A 166 -0.01 -22.19 11.15
CA ARG A 166 -0.92 -23.03 10.35
C ARG A 166 -0.17 -23.89 9.33
N GLU A 167 -0.46 -25.19 9.36
CA GLU A 167 0.11 -26.14 8.42
C GLU A 167 -1.03 -27.14 8.26
N GLU A 168 -1.94 -26.82 7.35
CA GLU A 168 -3.14 -27.60 7.12
C GLU A 168 -3.24 -28.33 5.79
N LYS A 169 -3.73 -29.56 5.85
CA LYS A 169 -3.90 -30.36 4.65
C LYS A 169 -5.28 -30.10 4.08
N VAL A 170 -5.33 -29.85 2.77
CA VAL A 170 -6.58 -29.61 2.08
C VAL A 170 -6.44 -30.22 0.69
N TYR A 171 -7.55 -30.35 -0.02
CA TYR A 171 -7.48 -30.91 -1.36
C TYR A 171 -8.00 -29.93 -2.40
N ILE A 172 -7.31 -29.86 -3.52
CA ILE A 172 -7.71 -28.98 -4.61
C ILE A 172 -8.38 -29.82 -5.68
N THR A 173 -9.47 -29.31 -6.23
CA THR A 173 -10.17 -30.05 -7.27
C THR A 173 -9.41 -29.84 -8.58
N VAL A 174 -9.12 -30.95 -9.26
CA VAL A 174 -8.38 -30.87 -10.50
C VAL A 174 -8.94 -31.86 -11.52
N PRO A 175 -8.74 -31.59 -12.82
CA PRO A 175 -9.24 -32.51 -13.85
C PRO A 175 -8.52 -33.85 -13.70
N ARG A 176 -9.16 -34.91 -14.16
CA ARG A 176 -8.58 -36.25 -14.07
C ARG A 176 -7.60 -36.51 -15.21
N ILE A 177 -7.73 -35.74 -16.29
CA ILE A 177 -6.90 -35.90 -17.48
C ILE A 177 -5.42 -36.10 -17.22
N TYR A 178 -4.87 -35.40 -16.23
CA TYR A 178 -3.46 -35.52 -15.90
C TYR A 178 -3.25 -36.57 -14.82
N ARG A 185 -7.13 -39.44 -10.04
CA ARG A 185 -8.31 -38.95 -9.35
C ARG A 185 -8.58 -37.49 -9.67
N ALA A 186 -9.65 -36.94 -9.10
CA ALA A 186 -10.01 -35.55 -9.34
C ALA A 186 -9.61 -34.65 -8.18
N ARG A 187 -8.62 -35.08 -7.39
CA ARG A 187 -8.16 -34.28 -6.26
C ARG A 187 -6.67 -34.46 -6.01
N ILE A 188 -6.03 -33.39 -5.54
CA ILE A 188 -4.60 -33.43 -5.22
C ILE A 188 -4.44 -32.87 -3.81
N GLU A 189 -3.55 -33.47 -3.04
CA GLU A 189 -3.30 -33.01 -1.68
C GLU A 189 -2.46 -31.74 -1.70
N ALA A 190 -2.96 -30.71 -1.04
CA ALA A 190 -2.28 -29.43 -0.97
C ALA A 190 -2.01 -29.12 0.50
N VAL A 191 -1.17 -28.12 0.74
CA VAL A 191 -0.87 -27.73 2.11
C VAL A 191 -0.97 -26.22 2.23
N ILE A 192 -1.58 -25.78 3.32
CA ILE A 192 -1.74 -24.36 3.60
C ILE A 192 -0.82 -24.00 4.76
N PHE A 193 -0.01 -22.97 4.56
CA PHE A 193 0.90 -22.49 5.60
C PHE A 193 0.53 -21.08 6.02
N GLY A 194 0.54 -20.85 7.33
CA GLY A 194 0.25 -19.52 7.87
C GLY A 194 1.46 -19.25 8.74
N VAL A 195 2.19 -18.19 8.46
CA VAL A 195 3.40 -17.87 9.22
C VAL A 195 3.49 -16.43 9.70
N ARG A 196 3.93 -16.24 10.94
CA ARG A 196 4.11 -14.89 11.46
C ARG A 196 5.61 -14.60 11.41
N ASN A 197 5.98 -13.54 10.70
CA ASN A 197 7.37 -13.15 10.55
C ASN A 197 8.02 -12.82 11.90
N HIS A 198 9.24 -13.28 12.11
CA HIS A 198 9.96 -12.99 13.35
C HIS A 198 10.24 -11.49 13.35
N SER A 199 10.47 -10.95 12.16
CA SER A 199 10.76 -9.52 12.00
C SER A 199 9.49 -8.68 12.13
N PHE A 200 9.68 -7.37 12.22
CA PHE A 200 8.56 -6.45 12.34
C PHE A 200 7.79 -6.67 13.64
N MSE B 4 14.84 18.68 -18.13
CA MSE B 4 15.63 19.68 -17.36
C MSE B 4 15.58 19.35 -15.87
O MSE B 4 15.21 20.20 -15.05
CB MSE B 4 15.10 21.10 -17.59
CG MSE B 4 15.18 21.58 -19.04
SE MSE B 4 13.97 20.67 -20.24
CE MSE B 4 12.41 21.78 -20.01
N GLY B 5 15.95 18.13 -15.51
CA GLY B 5 15.93 17.73 -14.12
C GLY B 5 14.67 16.98 -13.76
N ILE B 6 14.77 16.06 -12.81
CA ILE B 6 13.62 15.27 -12.39
C ILE B 6 12.53 16.12 -11.74
N LYS B 7 12.93 17.19 -11.06
CA LYS B 7 11.96 18.06 -10.39
C LYS B 7 11.10 18.74 -11.47
N ASN B 8 11.74 19.21 -12.53
CA ASN B 8 11.01 19.87 -13.61
C ASN B 8 10.20 18.87 -14.43
N ASP B 9 10.75 17.68 -14.65
CA ASP B 9 10.06 16.65 -15.41
C ASP B 9 8.82 16.16 -14.67
N LEU B 10 8.91 16.07 -13.34
CA LEU B 10 7.78 15.64 -12.54
C LEU B 10 6.75 16.77 -12.51
N GLU B 11 7.24 17.99 -12.29
CA GLU B 11 6.36 19.15 -12.23
C GLU B 11 5.44 19.27 -13.44
N ILE B 12 5.98 19.06 -14.65
CA ILE B 12 5.14 19.17 -15.83
C ILE B 12 4.08 18.07 -15.90
N ARG B 13 4.36 16.92 -15.29
CA ARG B 13 3.36 15.85 -15.29
C ARG B 13 2.28 16.21 -14.29
N LEU B 14 2.66 16.85 -13.19
CA LEU B 14 1.68 17.25 -12.18
C LEU B 14 0.80 18.39 -12.69
N GLN B 15 1.35 19.24 -13.56
CA GLN B 15 0.58 20.36 -14.08
C GLN B 15 -0.57 19.91 -14.98
N LYS B 16 -0.48 18.67 -15.47
CA LYS B 16 -1.52 18.13 -16.33
C LYS B 16 -2.77 17.75 -15.52
N LEU B 17 -2.57 17.49 -14.23
CA LEU B 17 -3.68 17.12 -13.34
C LEU B 17 -4.73 18.23 -13.29
N GLN B 18 -5.89 17.90 -12.75
CA GLN B 18 -6.99 18.85 -12.63
C GLN B 18 -7.10 19.40 -11.21
N THR B 32 -1.27 22.79 -2.28
CA THR B 32 0.11 22.97 -2.71
C THR B 32 0.20 22.98 -4.23
N ASP B 33 0.87 23.99 -4.77
CA ASP B 33 1.04 24.15 -6.21
C ASP B 33 1.96 23.06 -6.75
N ALA B 34 1.98 22.89 -8.06
CA ALA B 34 2.80 21.84 -8.68
C ALA B 34 4.30 21.94 -8.40
N SER B 35 4.83 23.17 -8.34
CA SER B 35 6.25 23.36 -8.07
C SER B 35 6.62 22.90 -6.67
N THR B 36 5.88 23.40 -5.68
CA THR B 36 6.11 23.04 -4.29
C THR B 36 5.91 21.54 -4.08
N ALA B 37 4.87 20.99 -4.70
CA ALA B 37 4.58 19.56 -4.57
C ALA B 37 5.73 18.73 -5.15
N ALA B 38 6.22 19.13 -6.32
CA ALA B 38 7.33 18.42 -6.95
C ALA B 38 8.58 18.50 -6.08
N TYR B 39 8.86 19.69 -5.53
CA TYR B 39 10.04 19.87 -4.68
C TYR B 39 9.99 18.92 -3.48
N PHE B 40 8.86 18.95 -2.79
CA PHE B 40 8.62 18.13 -1.61
C PHE B 40 8.78 16.64 -1.92
N LEU B 41 8.12 16.18 -2.98
CA LEU B 41 8.19 14.77 -3.37
C LEU B 41 9.59 14.32 -3.79
N ILE B 42 10.33 15.16 -4.51
CA ILE B 42 11.67 14.77 -4.91
C ILE B 42 12.57 14.59 -3.69
N GLU B 43 12.36 15.39 -2.65
CA GLU B 43 13.15 15.24 -1.43
C GLU B 43 12.91 13.83 -0.87
N ILE B 44 11.64 13.43 -0.79
CA ILE B 44 11.30 12.12 -0.27
C ILE B 44 11.90 11.03 -1.15
N TYR B 45 11.90 11.28 -2.46
CA TYR B 45 12.44 10.34 -3.43
C TYR B 45 13.95 10.19 -3.24
N ASN B 46 14.64 11.31 -3.07
CA ASN B 46 16.08 11.27 -2.87
C ASN B 46 16.45 10.66 -1.51
N ASP B 47 15.50 10.67 -0.57
CA ASP B 47 15.74 10.06 0.76
C ASP B 47 15.67 8.53 0.62
N GLY B 48 15.10 8.08 -0.51
CA GLY B 48 14.94 6.66 -0.79
C GLY B 48 13.61 6.13 -0.28
N ASN B 49 12.66 7.04 -0.10
CA ASN B 49 11.35 6.68 0.46
C ASN B 49 10.15 6.71 -0.48
N ILE B 50 10.39 6.75 -1.78
CA ILE B 50 9.28 6.71 -2.73
C ILE B 50 9.48 5.52 -3.66
N GLY B 51 10.56 5.55 -4.42
CA GLY B 51 10.85 4.47 -5.35
C GLY B 51 10.85 3.07 -4.77
N GLY B 52 9.98 2.22 -5.31
CA GLY B 52 9.88 0.84 -4.84
C GLY B 52 9.28 0.69 -3.46
N ARG B 53 8.61 1.74 -2.98
CA ARG B 53 8.03 1.70 -1.65
C ARG B 53 6.51 1.70 -1.68
N SER B 54 5.91 1.27 -0.58
CA SER B 54 4.45 1.31 -0.47
C SER B 54 4.23 2.67 0.20
N VAL B 55 3.38 3.50 -0.40
CA VAL B 55 3.14 4.85 0.10
C VAL B 55 1.67 5.13 0.36
N ILE B 56 1.39 5.89 1.41
CA ILE B 56 0.03 6.28 1.70
C ILE B 56 0.01 7.80 1.86
N ASP B 57 -0.87 8.45 1.12
CA ASP B 57 -1.03 9.89 1.15
C ASP B 57 -2.33 10.21 1.91
N ALA B 58 -2.19 10.83 3.07
CA ALA B 58 -3.33 11.17 3.93
C ALA B 58 -3.89 12.55 3.62
N GLY B 59 -5.22 12.63 3.48
CA GLY B 59 -5.86 13.91 3.16
C GLY B 59 -5.39 14.33 1.78
N THR B 60 -5.53 13.41 0.84
CA THR B 60 -5.06 13.59 -0.52
C THR B 60 -5.68 14.71 -1.36
N GLY B 61 -6.88 15.16 -1.00
CA GLY B 61 -7.52 16.23 -1.76
C GLY B 61 -7.63 15.86 -3.23
N ASN B 62 -7.13 16.73 -4.12
CA ASN B 62 -7.19 16.46 -5.56
C ASN B 62 -6.24 15.34 -5.94
N GLY B 63 -5.47 14.86 -4.96
CA GLY B 63 -4.55 13.76 -5.17
C GLY B 63 -3.16 14.09 -5.73
N ILE B 64 -2.81 15.36 -5.84
CA ILE B 64 -1.52 15.71 -6.40
C ILE B 64 -0.31 14.99 -5.79
N LEU B 65 -0.24 14.90 -4.46
CA LEU B 65 0.91 14.23 -3.86
C LEU B 65 0.90 12.72 -4.09
N ALA B 66 -0.28 12.12 -4.20
CA ALA B 66 -0.39 10.69 -4.43
C ALA B 66 -0.02 10.38 -5.88
N CYS B 67 -0.55 11.17 -6.81
CA CYS B 67 -0.24 10.99 -8.23
C CYS B 67 1.26 11.16 -8.42
N GLY B 68 1.83 12.15 -7.74
CA GLY B 68 3.26 12.41 -7.86
C GLY B 68 4.10 11.23 -7.38
N SER B 69 3.67 10.62 -6.28
CA SER B 69 4.39 9.48 -5.75
C SER B 69 4.34 8.34 -6.74
N TYR B 70 3.18 8.17 -7.38
CA TYR B 70 2.99 7.12 -8.38
C TYR B 70 3.89 7.42 -9.58
N LEU B 71 3.93 8.67 -10.01
CA LEU B 71 4.76 9.07 -11.14
C LEU B 71 6.25 8.88 -10.85
N LEU B 72 6.62 8.94 -9.57
CA LEU B 72 8.03 8.77 -9.19
C LEU B 72 8.43 7.30 -9.03
N GLY B 73 7.52 6.39 -9.35
CA GLY B 73 7.85 4.98 -9.27
C GLY B 73 7.59 4.24 -7.97
N ALA B 74 6.66 4.72 -7.17
CA ALA B 74 6.33 4.04 -5.93
C ALA B 74 5.80 2.65 -6.31
N GLU B 75 6.06 1.66 -5.48
CA GLU B 75 5.62 0.31 -5.78
C GLU B 75 4.09 0.24 -5.67
N SER B 76 3.55 0.92 -4.67
CA SER B 76 2.10 0.97 -4.48
C SER B 76 1.77 2.28 -3.82
N VAL B 77 0.65 2.88 -4.21
CA VAL B 77 0.24 4.14 -3.62
C VAL B 77 -1.23 4.07 -3.21
N THR B 78 -1.48 4.43 -1.96
CA THR B 78 -2.84 4.44 -1.44
C THR B 78 -3.07 5.87 -0.97
N ALA B 79 -4.27 6.39 -1.14
CA ALA B 79 -4.54 7.77 -0.74
C ALA B 79 -5.98 7.90 -0.31
N PHE B 80 -6.22 8.70 0.71
CA PHE B 80 -7.59 8.86 1.22
C PHE B 80 -7.93 10.29 1.58
N ASP B 81 -9.22 10.57 1.59
CA ASP B 81 -9.74 11.89 1.93
C ASP B 81 -11.15 11.66 2.44
N ILE B 82 -11.62 12.55 3.31
CA ILE B 82 -12.96 12.41 3.85
C ILE B 82 -14.00 12.87 2.83
N ASP B 83 -13.57 13.71 1.89
CA ASP B 83 -14.46 14.27 0.88
C ASP B 83 -14.59 13.42 -0.39
N PRO B 84 -15.79 12.87 -0.65
CA PRO B 84 -15.98 12.05 -1.85
C PRO B 84 -15.79 12.80 -3.16
N ASP B 85 -16.06 14.11 -3.15
CA ASP B 85 -15.88 14.90 -4.37
C ASP B 85 -14.40 14.99 -4.71
N ALA B 86 -13.56 15.11 -3.68
CA ALA B 86 -12.13 15.19 -3.89
C ALA B 86 -11.62 13.86 -4.48
N ILE B 87 -12.07 12.75 -3.92
CA ILE B 87 -11.66 11.44 -4.40
C ILE B 87 -12.11 11.19 -5.83
N GLU B 88 -13.31 11.65 -6.17
CA GLU B 88 -13.82 11.49 -7.51
C GLU B 88 -12.87 12.17 -8.50
N THR B 89 -12.40 13.36 -8.14
CA THR B 89 -11.47 14.10 -9.00
C THR B 89 -10.10 13.43 -9.00
N ALA B 90 -9.64 13.02 -7.83
CA ALA B 90 -8.33 12.38 -7.71
C ALA B 90 -8.23 11.12 -8.59
N LYS B 91 -9.26 10.28 -8.57
CA LYS B 91 -9.27 9.05 -9.35
C LYS B 91 -9.09 9.30 -10.85
N ARG B 92 -9.64 10.40 -11.34
CA ARG B 92 -9.52 10.74 -12.74
C ARG B 92 -8.12 11.27 -13.03
N ASN B 93 -7.49 11.89 -12.03
CA ASN B 93 -6.15 12.43 -12.23
C ASN B 93 -5.12 11.33 -12.39
N CYS B 94 -5.25 10.26 -11.61
CA CYS B 94 -4.31 9.14 -11.71
C CYS B 94 -4.93 7.83 -11.25
N GLY B 95 -5.48 7.09 -12.21
CA GLY B 95 -6.13 5.82 -11.90
C GLY B 95 -5.27 4.71 -11.31
N GLY B 96 -3.96 4.81 -11.48
CA GLY B 96 -3.07 3.79 -10.95
C GLY B 96 -2.96 3.81 -9.43
N VAL B 97 -3.46 4.88 -8.82
CA VAL B 97 -3.42 5.03 -7.38
C VAL B 97 -4.67 4.46 -6.71
N ASN B 98 -4.48 3.85 -5.55
CA ASN B 98 -5.58 3.28 -4.78
C ASN B 98 -6.23 4.39 -3.94
N PHE B 99 -7.18 5.10 -4.55
CA PHE B 99 -7.90 6.18 -3.86
C PHE B 99 -9.12 5.66 -3.13
N MSE B 100 -9.41 6.24 -1.97
CA MSE B 100 -10.56 5.83 -1.18
C MSE B 100 -11.07 6.96 -0.31
O MSE B 100 -10.33 7.85 0.08
CB MSE B 100 -10.17 4.65 -0.27
CG MSE B 100 -8.96 4.97 0.60
SE MSE B 100 -8.40 3.48 1.67
CE MSE B 100 -7.57 2.43 0.29
N VAL B 101 -12.37 6.93 -0.04
CA VAL B 101 -12.99 7.92 0.82
C VAL B 101 -12.88 7.29 2.21
N ALA B 102 -12.35 8.03 3.17
CA ALA B 102 -12.21 7.49 4.51
C ALA B 102 -11.79 8.53 5.53
N ASP B 103 -12.16 8.28 6.79
CA ASP B 103 -11.76 9.15 7.87
C ASP B 103 -10.43 8.54 8.29
N VAL B 104 -9.54 9.35 8.85
CA VAL B 104 -8.23 8.84 9.26
C VAL B 104 -8.33 7.71 10.29
N SER B 105 -9.36 7.75 11.13
CA SER B 105 -9.52 6.71 12.16
C SER B 105 -9.73 5.33 11.53
N GLU B 106 -10.19 5.30 10.29
CA GLU B 106 -10.46 4.04 9.59
C GLU B 106 -9.21 3.36 9.02
N ILE B 107 -8.13 4.10 8.84
CA ILE B 107 -6.91 3.54 8.26
C ILE B 107 -6.30 2.46 9.18
N SER B 108 -6.01 1.30 8.60
CA SER B 108 -5.48 0.20 9.41
C SER B 108 -4.39 -0.65 8.76
N GLY B 109 -3.93 -0.27 7.58
CA GLY B 109 -2.88 -1.05 6.94
C GLY B 109 -1.49 -0.50 7.23
N LYS B 110 -0.47 -1.23 6.78
CA LYS B 110 0.93 -0.83 6.96
C LYS B 110 1.52 -0.36 5.63
N TYR B 111 2.31 0.72 5.69
CA TYR B 111 2.93 1.30 4.50
C TYR B 111 4.33 1.81 4.85
N ASP B 112 5.25 1.78 3.89
CA ASP B 112 6.61 2.27 4.12
C ASP B 112 6.64 3.75 4.50
N THR B 113 5.94 4.53 3.69
CA THR B 113 5.94 5.98 3.80
C THR B 113 4.57 6.62 3.91
N TRP B 114 4.44 7.55 4.86
CA TRP B 114 3.21 8.29 5.09
C TRP B 114 3.45 9.76 4.72
N ILE B 115 2.58 10.30 3.87
CA ILE B 115 2.68 11.70 3.46
C ILE B 115 1.40 12.44 3.79
N MSE B 116 1.53 13.66 4.30
CA MSE B 116 0.36 14.47 4.63
C MSE B 116 0.66 15.95 4.40
O MSE B 116 1.80 16.38 4.38
CB MSE B 116 -0.05 14.22 6.09
CG MSE B 116 0.98 14.69 7.11
SE MSE B 116 0.49 14.16 8.90
CE MSE B 116 -0.91 15.43 9.26
N ASN B 117 -0.41 16.73 4.24
CA ASN B 117 -0.31 18.17 4.01
C ASN B 117 -1.33 18.84 4.91
N PRO B 118 -1.01 18.96 6.22
CA PRO B 118 -1.78 19.55 7.33
C PRO B 118 -2.22 20.99 7.16
N PRO B 119 -3.54 21.23 7.20
CA PRO B 119 -4.07 22.60 7.05
C PRO B 119 -4.02 23.38 8.37
N PHE B 120 -4.11 22.66 9.48
CA PHE B 120 -4.10 23.28 10.81
C PHE B 120 -2.86 24.09 11.10
N GLY B 121 -2.99 25.06 12.02
CA GLY B 121 -1.86 25.90 12.37
C GLY B 121 -1.66 26.05 13.88
N SER B 122 -2.03 27.20 14.41
CA SER B 122 -1.87 27.48 15.84
C SER B 122 -2.81 26.65 16.72
N VAL B 123 -4.08 26.58 16.32
CA VAL B 123 -5.06 25.82 17.09
C VAL B 123 -5.11 24.36 16.66
N VAL B 124 -4.81 23.46 17.60
CA VAL B 124 -4.82 22.03 17.32
C VAL B 124 -6.12 21.41 17.83
N LYS B 125 -6.65 20.47 17.07
CA LYS B 125 -7.89 19.81 17.43
C LYS B 125 -7.70 18.30 17.53
N HIS B 126 -8.77 17.59 17.89
CA HIS B 126 -8.73 16.14 18.02
C HIS B 126 -8.27 15.52 16.70
N SER B 127 -8.76 16.07 15.60
CA SER B 127 -8.42 15.59 14.27
C SER B 127 -6.94 15.80 13.93
N ASP B 128 -6.40 16.96 14.27
CA ASP B 128 -5.01 17.27 13.98
C ASP B 128 -4.06 16.22 14.59
N ARG B 129 -4.32 15.84 15.83
CA ARG B 129 -3.50 14.85 16.51
C ARG B 129 -3.81 13.46 15.95
N ALA B 130 -5.02 13.30 15.43
CA ALA B 130 -5.47 12.04 14.86
C ALA B 130 -4.56 11.61 13.72
N PHE B 131 -4.20 12.56 12.85
CA PHE B 131 -3.33 12.26 11.73
C PHE B 131 -1.94 11.88 12.20
N ILE B 132 -1.42 12.59 13.20
CA ILE B 132 -0.10 12.30 13.72
C ILE B 132 -0.10 10.90 14.35
N ASP B 133 -1.10 10.63 15.18
CA ASP B 133 -1.21 9.32 15.83
C ASP B 133 -1.31 8.20 14.81
N LYS B 134 -2.16 8.37 13.81
CA LYS B 134 -2.33 7.33 12.80
C LYS B 134 -1.04 7.11 12.01
N ALA B 135 -0.34 8.19 11.71
CA ALA B 135 0.91 8.09 10.95
C ALA B 135 1.92 7.20 11.66
N PHE B 136 2.11 7.42 12.96
CA PHE B 136 3.06 6.62 13.72
C PHE B 136 2.66 5.18 13.98
N GLU B 137 1.40 4.85 13.74
CA GLU B 137 0.93 3.50 13.93
C GLU B 137 0.93 2.79 12.57
N THR B 138 1.08 3.59 11.51
CA THR B 138 1.01 3.10 10.13
C THR B 138 2.30 2.97 9.31
N SER B 139 3.18 3.95 9.41
CA SER B 139 4.39 3.95 8.58
C SER B 139 5.73 4.15 9.26
N MSE B 140 6.78 3.72 8.56
CA MSE B 140 8.15 3.82 9.04
C MSE B 140 8.71 5.22 8.80
O MSE B 140 9.45 5.76 9.64
CB MSE B 140 9.03 2.78 8.35
CG MSE B 140 10.49 2.87 8.74
SE MSE B 140 11.44 1.20 8.47
CE MSE B 140 11.95 1.40 6.65
N TRP B 141 8.37 5.81 7.66
CA TRP B 141 8.85 7.15 7.30
C TRP B 141 7.66 8.08 7.15
N ILE B 142 7.68 9.16 7.91
CA ILE B 142 6.57 10.12 7.94
C ILE B 142 6.98 11.52 7.49
N TYR B 143 6.22 12.07 6.55
CA TYR B 143 6.50 13.40 6.00
C TYR B 143 5.26 14.29 6.06
N SER B 144 5.48 15.57 6.32
CA SER B 144 4.39 16.54 6.40
C SER B 144 4.84 17.89 5.86
N ILE B 145 3.94 18.56 5.16
CA ILE B 145 4.23 19.89 4.65
C ILE B 145 3.00 20.71 4.99
N GLY B 146 3.21 21.84 5.65
CA GLY B 146 2.08 22.67 6.04
C GLY B 146 2.49 23.99 6.65
N ASN B 147 1.50 24.66 7.24
CA ASN B 147 1.68 25.95 7.90
C ASN B 147 2.78 25.88 8.96
N ALA B 148 3.67 26.88 8.95
CA ALA B 148 4.77 26.92 9.91
C ALA B 148 4.30 27.27 11.32
N LYS B 149 3.04 27.67 11.45
CA LYS B 149 2.52 28.02 12.77
C LYS B 149 2.38 26.80 13.67
N ALA B 150 2.33 25.61 13.06
CA ALA B 150 2.21 24.38 13.82
C ALA B 150 3.59 23.75 14.06
N ARG B 151 4.63 24.47 13.62
CA ARG B 151 6.01 24.02 13.73
C ARG B 151 6.43 23.51 15.11
N ASP B 152 6.24 24.32 16.13
CA ASP B 152 6.62 23.92 17.49
C ASP B 152 5.90 22.67 17.95
N PHE B 153 4.57 22.66 17.78
CA PHE B 153 3.77 21.52 18.18
C PHE B 153 4.18 20.27 17.42
N LEU B 154 4.33 20.38 16.11
CA LEU B 154 4.72 19.23 15.29
C LEU B 154 6.08 18.68 15.65
N ARG B 155 7.07 19.56 15.81
CA ARG B 155 8.41 19.11 16.15
C ARG B 155 8.38 18.34 17.46
N ARG B 156 7.66 18.88 18.44
CA ARG B 156 7.54 18.23 19.75
C ARG B 156 6.95 16.84 19.59
N GLU B 157 5.79 16.76 18.94
CA GLU B 157 5.12 15.49 18.74
C GLU B 157 5.90 14.49 17.90
N PHE B 158 6.48 14.94 16.80
CA PHE B 158 7.26 14.04 15.95
C PHE B 158 8.51 13.50 16.65
N SER B 159 9.22 14.37 17.35
CA SER B 159 10.44 13.96 18.04
C SER B 159 10.15 13.02 19.21
N ALA B 160 8.94 13.06 19.74
CA ALA B 160 8.57 12.20 20.85
C ALA B 160 8.30 10.76 20.38
N ARG B 161 8.04 10.59 19.09
CA ARG B 161 7.76 9.26 18.56
C ARG B 161 8.71 8.81 17.46
N GLY B 162 9.64 9.67 17.07
CA GLY B 162 10.59 9.31 16.04
C GLY B 162 11.77 10.26 15.95
N ASP B 163 12.59 10.07 14.92
CA ASP B 163 13.76 10.91 14.72
C ASP B 163 13.45 11.92 13.62
N VAL B 164 13.45 13.20 13.97
CA VAL B 164 13.18 14.25 12.98
C VAL B 164 14.48 14.53 12.24
N PHE B 165 14.56 14.09 10.99
CA PHE B 165 15.76 14.34 10.21
C PHE B 165 15.61 15.53 9.28
N ARG B 166 14.38 16.03 9.16
CA ARG B 166 14.13 17.21 8.34
C ARG B 166 13.07 18.13 8.93
N GLU B 167 13.42 19.41 9.02
CA GLU B 167 12.53 20.47 9.50
C GLU B 167 13.01 21.63 8.66
N GLU B 168 12.42 21.75 7.48
CA GLU B 168 12.83 22.75 6.52
C GLU B 168 11.83 23.87 6.25
N LYS B 169 12.34 25.09 6.21
CA LYS B 169 11.50 26.25 5.96
C LYS B 169 11.35 26.42 4.45
N VAL B 170 10.10 26.57 4.01
CA VAL B 170 9.81 26.79 2.60
C VAL B 170 8.83 27.95 2.54
N TYR B 171 8.97 28.81 1.54
CA TYR B 171 8.09 29.95 1.45
C TYR B 171 6.96 29.74 0.47
N ILE B 172 5.77 30.18 0.87
CA ILE B 172 4.57 30.07 0.07
C ILE B 172 4.04 31.48 -0.16
N THR B 173 3.61 31.77 -1.39
CA THR B 173 3.10 33.09 -1.70
C THR B 173 1.71 33.35 -1.15
N VAL B 174 1.47 34.57 -0.68
CA VAL B 174 0.16 34.95 -0.20
C VAL B 174 -0.38 35.94 -1.24
N PRO B 175 -1.43 35.55 -1.98
CA PRO B 175 -1.99 36.46 -2.98
C PRO B 175 -2.27 37.83 -2.38
N ARG B 176 -2.01 38.88 -3.15
CA ARG B 176 -2.25 40.23 -2.65
C ARG B 176 -3.71 40.42 -2.27
N ILE B 177 -4.59 39.68 -2.92
CA ILE B 177 -6.02 39.79 -2.62
C ILE B 177 -6.31 39.33 -1.20
N TYR B 178 -5.37 38.63 -0.58
CA TYR B 178 -5.55 38.16 0.79
C TYR B 178 -4.64 38.90 1.77
N ARG B 179 -3.95 39.94 1.28
CA ARG B 179 -3.08 40.73 2.15
C ARG B 179 -3.87 41.93 2.65
N HIS B 180 -3.45 42.49 3.78
CA HIS B 180 -4.14 43.63 4.38
C HIS B 180 -3.40 44.95 4.21
N HIS B 181 -2.17 44.89 3.70
CA HIS B 181 -1.37 46.10 3.48
C HIS B 181 -0.20 45.87 2.53
N SER B 182 0.14 46.91 1.79
CA SER B 182 1.22 46.86 0.81
C SER B 182 2.57 46.49 1.41
N TYR B 183 2.79 46.89 2.66
CA TYR B 183 4.07 46.59 3.31
C TYR B 183 4.10 45.24 4.01
N ASP B 184 3.00 44.49 3.93
CA ASP B 184 2.96 43.16 4.54
C ASP B 184 3.83 42.24 3.71
N ARG B 185 4.27 41.13 4.30
CA ARG B 185 5.10 40.18 3.59
C ARG B 185 4.32 39.47 2.49
N ALA B 186 5.00 39.24 1.37
CA ALA B 186 4.39 38.61 0.21
C ALA B 186 4.36 37.09 0.29
N ARG B 187 5.21 36.50 1.13
CA ARG B 187 5.26 35.05 1.24
C ARG B 187 5.36 34.55 2.67
N ILE B 188 4.35 33.80 3.10
CA ILE B 188 4.33 33.25 4.44
C ILE B 188 5.27 32.05 4.55
N GLU B 189 5.44 31.56 5.77
CA GLU B 189 6.34 30.44 6.00
C GLU B 189 5.62 29.10 6.17
N ALA B 190 6.11 28.09 5.47
CA ALA B 190 5.57 26.75 5.58
C ALA B 190 6.71 25.90 6.12
N VAL B 191 6.41 24.69 6.54
CA VAL B 191 7.46 23.83 7.07
C VAL B 191 7.31 22.40 6.57
N ILE B 192 8.45 21.80 6.23
CA ILE B 192 8.52 20.43 5.77
C ILE B 192 9.18 19.60 6.85
N PHE B 193 8.50 18.53 7.26
CA PHE B 193 9.02 17.60 8.27
C PHE B 193 9.26 16.25 7.65
N GLY B 194 10.37 15.62 8.04
CA GLY B 194 10.72 14.28 7.60
C GLY B 194 11.07 13.58 8.90
N VAL B 195 10.39 12.48 9.22
CA VAL B 195 10.61 11.77 10.48
C VAL B 195 10.74 10.26 10.32
N ARG B 196 11.67 9.65 11.07
CA ARG B 196 11.83 8.20 11.03
C ARG B 196 11.13 7.65 12.27
N ASN B 197 10.12 6.81 12.06
CA ASN B 197 9.35 6.23 13.17
C ASN B 197 10.23 5.38 14.10
N HIS B 198 10.10 5.58 15.40
CA HIS B 198 10.87 4.81 16.37
C HIS B 198 10.38 3.36 16.45
N SER B 199 9.10 3.16 16.14
CA SER B 199 8.50 1.82 16.19
C SER B 199 9.13 0.83 15.23
N PHE B 200 8.63 0.81 13.99
CA PHE B 200 9.14 -0.10 12.98
C PHE B 200 9.91 0.62 11.88
C FMT C . -6.22 -27.31 -14.59
O1 FMT C . -7.18 -26.63 -15.04
O2 FMT C . -5.54 -28.08 -15.31
#